data_2NY8
#
_entry.id   2NY8
#
_entity_poly.entity_id   1
_entity_poly.type   'polypeptide(L)'
_entity_poly.pdbx_seq_one_letter_code
;ATCDLASGFGVGSSLCAAHCIARRYRGGYCNSKAVCVCRN
;
_entity_poly.pdbx_strand_id   X
#
# COMPACT_ATOMS: atom_id res chain seq x y z
N ALA A 1 -1.30 -5.70 -8.97
CA ALA A 1 -2.32 -4.95 -8.21
C ALA A 1 -1.87 -4.75 -6.77
N THR A 2 -2.35 -3.67 -6.15
CA THR A 2 -2.00 -3.34 -4.77
C THR A 2 -0.49 -3.10 -4.65
N CYS A 3 0.17 -3.76 -3.72
CA CYS A 3 1.60 -3.59 -3.54
C CYS A 3 2.35 -4.85 -3.94
N ASP A 4 1.75 -5.62 -4.83
CA ASP A 4 2.38 -6.85 -5.30
C ASP A 4 3.45 -6.51 -6.33
N LEU A 5 4.63 -7.08 -6.14
CA LEU A 5 5.75 -6.81 -7.04
C LEU A 5 6.31 -8.10 -7.61
N ALA A 6 6.32 -9.15 -6.78
CA ALA A 6 6.83 -10.46 -7.18
C ALA A 6 8.33 -10.38 -7.45
N SER A 7 8.76 -10.70 -8.67
CA SER A 7 10.16 -10.65 -9.03
C SER A 7 10.63 -9.20 -9.08
N GLY A 8 9.88 -8.37 -9.78
CA GLY A 8 10.24 -6.97 -9.89
C GLY A 8 9.87 -6.39 -11.23
N PHE A 9 9.51 -5.12 -11.24
CA PHE A 9 9.13 -4.42 -12.47
C PHE A 9 9.05 -2.92 -12.23
N GLY A 10 8.75 -2.55 -10.99
CA GLY A 10 8.63 -1.16 -10.62
C GLY A 10 7.85 -1.00 -9.34
N VAL A 11 6.87 -0.12 -9.35
CA VAL A 11 6.04 0.11 -8.18
C VAL A 11 4.60 -0.32 -8.48
N GLY A 12 3.91 -0.82 -7.45
CA GLY A 12 2.54 -1.26 -7.63
C GLY A 12 1.54 -0.13 -7.80
N SER A 13 0.33 -0.33 -7.31
CA SER A 13 -0.72 0.67 -7.41
C SER A 13 -0.49 1.82 -6.43
N SER A 14 -0.01 1.47 -5.23
CA SER A 14 0.27 2.44 -4.16
C SER A 14 -1.02 3.10 -3.64
N LEU A 15 -2.16 2.60 -4.08
CA LEU A 15 -3.45 3.13 -3.66
C LEU A 15 -3.65 2.91 -2.17
N CYS A 16 -3.20 1.76 -1.70
CA CYS A 16 -3.31 1.39 -0.30
C CYS A 16 -2.59 2.40 0.60
N ALA A 17 -1.35 2.71 0.24
CA ALA A 17 -0.55 3.67 1.00
C ALA A 17 -1.18 5.05 0.99
N ALA A 18 -1.56 5.50 -0.21
CA ALA A 18 -2.20 6.80 -0.38
C ALA A 18 -3.51 6.89 0.40
N HIS A 19 -4.26 5.79 0.36
CA HIS A 19 -5.55 5.71 1.05
C HIS A 19 -5.35 5.94 2.54
N CYS A 20 -4.29 5.37 3.09
CA CYS A 20 -3.97 5.53 4.50
C CYS A 20 -3.61 6.97 4.81
N ILE A 21 -2.84 7.59 3.92
CA ILE A 21 -2.43 8.97 4.07
C ILE A 21 -3.65 9.88 4.07
N ALA A 22 -4.55 9.64 3.12
CA ALA A 22 -5.78 10.40 3.00
C ALA A 22 -6.82 9.96 4.03
N ARG A 23 -6.38 9.81 5.27
CA ARG A 23 -7.25 9.39 6.36
C ARG A 23 -6.69 9.90 7.68
N ARG A 24 -5.44 9.54 7.97
CA ARG A 24 -4.78 9.97 9.20
C ARG A 24 -3.36 9.40 9.29
N TYR A 25 -3.15 8.24 8.68
CA TYR A 25 -1.84 7.59 8.70
C TYR A 25 -0.81 8.43 7.96
N ARG A 26 0.42 8.42 8.46
CA ARG A 26 1.51 9.17 7.84
C ARG A 26 1.77 8.56 6.47
N GLY A 27 1.70 7.25 6.40
CA GLY A 27 1.92 6.54 5.17
C GLY A 27 1.81 5.04 5.39
N GLY A 28 2.52 4.27 4.59
CA GLY A 28 2.49 2.84 4.71
C GLY A 28 3.42 2.15 3.74
N TYR A 29 4.30 1.32 4.27
CA TYR A 29 5.25 0.60 3.44
C TYR A 29 4.60 -0.69 2.94
N CYS A 30 4.83 -1.00 1.68
CA CYS A 30 4.25 -2.20 1.10
C CYS A 30 5.15 -3.39 1.37
N ASN A 31 4.78 -4.19 2.36
CA ASN A 31 5.53 -5.39 2.70
C ASN A 31 5.31 -6.44 1.62
N SER A 32 6.25 -7.38 1.50
CA SER A 32 6.18 -8.41 0.45
C SER A 32 5.07 -9.45 0.65
N LYS A 33 3.88 -8.97 0.98
CA LYS A 33 2.72 -9.81 1.13
C LYS A 33 1.51 -9.00 0.72
N ALA A 34 1.79 -7.90 0.01
CA ALA A 34 0.77 -6.98 -0.47
C ALA A 34 -0.14 -6.53 0.66
N VAL A 35 0.41 -6.45 1.86
CA VAL A 35 -0.36 -6.04 3.03
C VAL A 35 -0.29 -4.53 3.19
N CYS A 36 0.79 -3.94 2.67
CA CYS A 36 1.01 -2.49 2.74
C CYS A 36 0.72 -1.96 4.14
N VAL A 37 1.46 -2.50 5.11
CA VAL A 37 1.29 -2.14 6.51
C VAL A 37 1.47 -0.64 6.72
N CYS A 38 0.35 0.06 6.87
CA CYS A 38 0.36 1.51 7.07
C CYS A 38 0.71 1.86 8.51
N ARG A 39 1.09 3.11 8.72
CA ARG A 39 1.46 3.58 10.05
C ARG A 39 1.06 5.04 10.24
N ASN A 40 0.54 5.34 11.41
CA ASN A 40 0.10 6.69 11.73
C ASN A 40 1.29 7.61 11.95
N ALA A 1 0.87 -3.87 -7.14
CA ALA A 1 1.74 -4.98 -6.69
C ALA A 1 2.91 -4.45 -5.88
N THR A 2 2.58 -3.71 -4.81
CA THR A 2 3.59 -3.13 -3.95
C THR A 2 4.54 -4.18 -3.39
N CYS A 3 5.79 -4.09 -3.81
CA CYS A 3 6.84 -5.01 -3.39
C CYS A 3 6.51 -6.44 -3.78
N ASP A 4 6.00 -6.58 -4.99
CA ASP A 4 5.64 -7.88 -5.53
C ASP A 4 5.97 -7.85 -7.02
N LEU A 5 6.67 -8.87 -7.50
CA LEU A 5 7.09 -8.98 -8.90
C LEU A 5 7.64 -7.64 -9.42
N ALA A 6 8.51 -7.03 -8.61
CA ALA A 6 9.15 -5.74 -8.93
C ALA A 6 8.11 -4.65 -9.14
N SER A 7 7.02 -4.72 -8.37
CA SER A 7 5.93 -3.75 -8.43
C SER A 7 5.35 -3.70 -9.85
N GLY A 8 5.12 -4.87 -10.43
CA GLY A 8 4.57 -4.94 -11.77
C GLY A 8 3.08 -4.74 -11.81
N PHE A 9 2.42 -5.45 -12.73
CA PHE A 9 0.98 -5.35 -12.88
C PHE A 9 0.26 -6.40 -12.02
N GLY A 10 -1.01 -6.66 -12.33
CA GLY A 10 -1.77 -7.64 -11.59
C GLY A 10 -2.85 -7.00 -10.73
N VAL A 11 -2.45 -6.05 -9.90
CA VAL A 11 -3.40 -5.35 -9.04
C VAL A 11 -2.70 -4.21 -8.31
N GLY A 12 -3.23 -3.01 -8.47
CA GLY A 12 -2.66 -1.85 -7.83
C GLY A 12 -3.15 -1.71 -6.40
N SER A 13 -2.25 -1.35 -5.49
CA SER A 13 -2.61 -1.21 -4.09
C SER A 13 -3.51 0.02 -3.92
N SER A 14 -2.96 1.19 -4.27
CA SER A 14 -3.67 2.48 -4.18
C SER A 14 -3.90 2.91 -2.72
N LEU A 15 -4.38 2.00 -1.90
CA LEU A 15 -4.65 2.29 -0.50
C LEU A 15 -3.37 2.42 0.30
N CYS A 16 -2.35 1.66 -0.08
CA CYS A 16 -1.04 1.65 0.59
C CYS A 16 -0.53 3.07 0.85
N ALA A 17 -0.82 4.00 -0.05
CA ALA A 17 -0.36 5.37 0.13
C ALA A 17 -1.50 6.37 0.11
N ALA A 18 -2.19 6.47 -1.01
CA ALA A 18 -3.28 7.44 -1.17
C ALA A 18 -4.37 7.34 -0.10
N HIS A 19 -4.92 6.15 0.07
CA HIS A 19 -6.00 5.97 1.05
C HIS A 19 -5.49 6.10 2.47
N CYS A 20 -4.33 5.53 2.76
CA CYS A 20 -3.76 5.59 4.10
C CYS A 20 -3.38 7.01 4.50
N ILE A 21 -2.80 7.77 3.59
CA ILE A 21 -2.42 9.16 3.88
C ILE A 21 -3.65 9.96 4.29
N ALA A 22 -4.75 9.73 3.59
CA ALA A 22 -6.00 10.42 3.88
C ALA A 22 -6.55 10.00 5.24
N ARG A 23 -6.32 8.75 5.62
CA ARG A 23 -6.79 8.23 6.89
C ARG A 23 -5.87 8.60 8.05
N ARG A 24 -5.25 9.77 7.95
CA ARG A 24 -4.36 10.30 8.99
C ARG A 24 -3.15 9.40 9.27
N TYR A 25 -2.48 8.97 8.21
CA TYR A 25 -1.28 8.15 8.33
C TYR A 25 -0.19 8.76 7.45
N ARG A 26 1.06 8.69 7.88
CA ARG A 26 2.15 9.27 7.09
C ARG A 26 2.30 8.52 5.77
N GLY A 27 1.97 7.23 5.80
CA GLY A 27 2.05 6.42 4.61
C GLY A 27 1.88 4.95 4.95
N GLY A 28 2.57 4.10 4.21
CA GLY A 28 2.50 2.68 4.43
C GLY A 28 3.69 1.95 3.85
N TYR A 29 4.16 0.94 4.56
CA TYR A 29 5.31 0.16 4.10
C TYR A 29 4.85 -1.23 3.69
N CYS A 30 5.41 -1.73 2.60
CA CYS A 30 5.03 -3.05 2.13
C CYS A 30 5.54 -4.11 3.09
N ASN A 31 4.63 -4.98 3.52
CA ASN A 31 4.96 -6.04 4.47
C ASN A 31 5.42 -7.30 3.74
N SER A 32 6.11 -7.09 2.62
CA SER A 32 6.65 -8.17 1.79
C SER A 32 5.55 -8.95 1.05
N LYS A 33 4.50 -9.36 1.75
CA LYS A 33 3.42 -10.13 1.14
C LYS A 33 2.52 -9.25 0.27
N ALA A 34 3.08 -8.14 -0.20
CA ALA A 34 2.37 -7.19 -1.07
C ALA A 34 1.06 -6.71 -0.45
N VAL A 35 0.99 -6.73 0.87
CA VAL A 35 -0.21 -6.29 1.58
C VAL A 35 -0.09 -4.83 1.97
N CYS A 36 1.12 -4.45 2.40
CA CYS A 36 1.41 -3.07 2.83
C CYS A 36 0.72 -2.76 4.15
N VAL A 37 1.51 -2.34 5.13
CA VAL A 37 0.99 -2.00 6.45
C VAL A 37 1.16 -0.51 6.68
N CYS A 38 0.05 0.18 6.90
CA CYS A 38 0.08 1.61 7.11
C CYS A 38 0.18 1.97 8.59
N ARG A 39 0.93 3.01 8.87
CA ARG A 39 1.13 3.49 10.22
C ARG A 39 1.24 5.01 10.22
N ASN A 40 0.97 5.63 11.35
CA ASN A 40 1.04 7.08 11.45
C ASN A 40 2.19 7.47 12.37
N ALA A 1 7.57 1.00 -4.86
CA ALA A 1 8.33 0.24 -3.84
C ALA A 1 7.45 -0.83 -3.18
N THR A 2 6.50 -1.34 -3.95
CA THR A 2 5.60 -2.37 -3.47
C THR A 2 6.31 -3.72 -3.43
N CYS A 3 6.01 -4.51 -2.41
CA CYS A 3 6.61 -5.84 -2.29
C CYS A 3 6.17 -6.69 -3.48
N ASP A 4 7.13 -7.08 -4.30
CA ASP A 4 6.83 -7.88 -5.47
C ASP A 4 6.33 -9.25 -5.09
N LEU A 5 5.23 -9.65 -5.71
CA LEU A 5 4.63 -10.95 -5.45
C LEU A 5 5.12 -11.95 -6.49
N ALA A 6 5.35 -11.45 -7.70
CA ALA A 6 5.83 -12.26 -8.80
C ALA A 6 6.32 -11.37 -9.94
N SER A 7 5.49 -10.42 -10.33
CA SER A 7 5.84 -9.49 -11.40
C SER A 7 5.03 -8.19 -11.28
N GLY A 8 3.73 -8.33 -11.03
CA GLY A 8 2.87 -7.17 -10.89
C GLY A 8 1.43 -7.56 -10.63
N PHE A 9 0.72 -6.71 -9.91
CA PHE A 9 -0.68 -6.96 -9.58
C PHE A 9 -1.32 -5.65 -9.15
N GLY A 10 -1.09 -4.61 -9.94
CA GLY A 10 -1.63 -3.32 -9.64
C GLY A 10 -1.01 -2.24 -10.49
N VAL A 11 -1.72 -1.14 -10.58
CA VAL A 11 -1.29 0.02 -11.35
C VAL A 11 0.00 0.60 -10.76
N GLY A 12 0.10 0.55 -9.44
CA GLY A 12 1.27 1.08 -8.77
C GLY A 12 1.50 0.41 -7.44
N SER A 13 1.53 1.21 -6.37
CA SER A 13 1.74 0.68 -5.04
C SER A 13 0.44 0.16 -4.43
N SER A 14 -0.65 0.29 -5.18
CA SER A 14 -1.97 -0.16 -4.74
C SER A 14 -2.42 0.62 -3.51
N LEU A 15 -2.21 1.94 -3.55
CA LEU A 15 -2.60 2.83 -2.46
C LEU A 15 -1.87 2.47 -1.17
N CYS A 16 -0.57 2.25 -1.28
CA CYS A 16 0.24 1.89 -0.11
C CYS A 16 0.47 3.10 0.80
N ALA A 17 0.37 4.29 0.23
CA ALA A 17 0.59 5.51 1.01
C ALA A 17 -0.59 6.48 0.87
N ALA A 18 -1.07 6.67 -0.34
CA ALA A 18 -2.18 7.59 -0.60
C ALA A 18 -3.43 7.21 0.17
N HIS A 19 -3.72 5.91 0.26
CA HIS A 19 -4.89 5.45 1.00
C HIS A 19 -4.72 5.79 2.47
N CYS A 20 -3.48 5.67 2.94
CA CYS A 20 -3.14 5.97 4.31
C CYS A 20 -3.35 7.45 4.60
N ILE A 21 -3.11 8.30 3.60
CA ILE A 21 -3.27 9.73 3.74
C ILE A 21 -4.67 10.07 4.23
N ALA A 22 -5.67 9.42 3.62
CA ALA A 22 -7.05 9.62 4.00
C ALA A 22 -7.31 9.06 5.38
N ARG A 23 -6.58 8.02 5.74
CA ARG A 23 -6.70 7.38 7.05
C ARG A 23 -5.89 8.13 8.10
N ARG A 24 -5.31 9.26 7.70
CA ARG A 24 -4.51 10.12 8.58
C ARG A 24 -3.15 9.50 8.89
N TYR A 25 -2.53 8.93 7.88
CA TYR A 25 -1.20 8.34 8.00
C TYR A 25 -0.35 8.84 6.84
N ARG A 26 0.90 9.20 7.12
CA ARG A 26 1.80 9.71 6.07
C ARG A 26 2.00 8.68 4.96
N GLY A 27 1.86 7.43 5.30
CA GLY A 27 2.02 6.37 4.33
C GLY A 27 2.02 5.01 4.98
N GLY A 28 2.87 4.13 4.49
CA GLY A 28 2.96 2.81 5.06
C GLY A 28 4.10 2.01 4.49
N TYR A 29 3.93 0.71 4.41
CA TYR A 29 4.93 -0.19 3.88
C TYR A 29 4.28 -1.48 3.43
N CYS A 30 4.80 -2.07 2.37
CA CYS A 30 4.23 -3.30 1.87
C CYS A 30 4.46 -4.43 2.88
N ASN A 31 3.36 -5.03 3.32
CA ASN A 31 3.41 -6.11 4.30
C ASN A 31 3.73 -7.46 3.63
N SER A 32 4.57 -7.39 2.60
CA SER A 32 5.00 -8.56 1.83
C SER A 32 3.88 -9.16 0.97
N LYS A 33 2.70 -9.34 1.54
CA LYS A 33 1.56 -9.91 0.82
C LYS A 33 0.90 -8.91 -0.11
N ALA A 34 1.66 -7.88 -0.51
CA ALA A 34 1.17 -6.83 -1.41
C ALA A 34 -0.08 -6.14 -0.87
N VAL A 35 -0.27 -6.19 0.44
CA VAL A 35 -1.41 -5.54 1.07
C VAL A 35 -1.04 -4.15 1.56
N CYS A 36 0.17 -4.04 2.11
CA CYS A 36 0.69 -2.77 2.64
C CYS A 36 -0.04 -2.34 3.91
N VAL A 37 0.72 -2.02 4.93
CA VAL A 37 0.16 -1.58 6.20
C VAL A 37 0.54 -0.12 6.45
N CYS A 38 -0.45 0.70 6.77
CA CYS A 38 -0.23 2.12 7.01
C CYS A 38 0.48 2.37 8.32
N ARG A 39 1.21 3.48 8.38
CA ARG A 39 1.94 3.89 9.57
C ARG A 39 2.25 5.38 9.53
N ASN A 40 2.38 5.96 10.70
CA ASN A 40 2.69 7.37 10.83
C ASN A 40 4.11 7.56 11.32
N ALA A 1 2.70 1.82 -7.71
CA ALA A 1 2.37 0.39 -7.85
C ALA A 1 1.86 -0.17 -6.52
N THR A 2 0.98 -1.15 -6.60
CA THR A 2 0.42 -1.78 -5.42
C THR A 2 1.51 -2.39 -4.56
N CYS A 3 2.27 -3.26 -5.20
CA CYS A 3 3.36 -3.97 -4.57
C CYS A 3 3.97 -4.94 -5.58
N ASP A 4 4.36 -6.12 -5.12
CA ASP A 4 4.91 -7.13 -5.99
C ASP A 4 3.79 -7.70 -6.85
N LEU A 5 3.99 -7.70 -8.16
CA LEU A 5 2.98 -8.19 -9.08
C LEU A 5 3.45 -9.42 -9.84
N ALA A 6 4.06 -10.35 -9.13
CA ALA A 6 4.55 -11.59 -9.74
C ALA A 6 3.41 -12.34 -10.41
N SER A 7 2.27 -12.39 -9.73
CA SER A 7 1.10 -13.07 -10.24
C SER A 7 0.33 -12.16 -11.21
N GLY A 8 0.20 -10.89 -10.84
CA GLY A 8 -0.52 -9.94 -11.66
C GLY A 8 -2.01 -10.01 -11.43
N PHE A 9 -2.64 -8.87 -11.17
CA PHE A 9 -4.06 -8.82 -10.91
C PHE A 9 -4.62 -7.39 -11.06
N GLY A 10 -4.21 -6.71 -12.12
CA GLY A 10 -4.68 -5.36 -12.36
C GLY A 10 -3.56 -4.41 -12.70
N VAL A 11 -2.47 -4.50 -11.94
CA VAL A 11 -1.31 -3.64 -12.13
C VAL A 11 -1.69 -2.18 -11.85
N GLY A 12 -2.33 -1.97 -10.70
CA GLY A 12 -2.74 -0.64 -10.32
C GLY A 12 -3.45 -0.63 -8.99
N SER A 13 -2.93 0.15 -8.06
CA SER A 13 -3.51 0.25 -6.73
C SER A 13 -4.24 1.58 -6.57
N SER A 14 -3.74 2.59 -7.29
CA SER A 14 -4.30 3.94 -7.25
C SER A 14 -3.91 4.67 -5.97
N LEU A 15 -3.96 3.98 -4.82
CA LEU A 15 -3.60 4.59 -3.54
C LEU A 15 -3.38 3.53 -2.45
N CYS A 16 -2.42 2.64 -2.66
CA CYS A 16 -2.13 1.59 -1.67
C CYS A 16 -1.66 2.24 -0.36
N ALA A 17 -0.57 2.99 -0.43
CA ALA A 17 -0.03 3.69 0.74
C ALA A 17 -0.75 5.01 0.91
N ALA A 18 -1.17 5.59 -0.20
CA ALA A 18 -1.87 6.87 -0.19
C ALA A 18 -3.16 6.77 0.61
N HIS A 19 -3.80 5.60 0.58
CA HIS A 19 -5.04 5.40 1.33
C HIS A 19 -4.74 5.56 2.81
N CYS A 20 -3.57 5.09 3.22
CA CYS A 20 -3.12 5.21 4.60
C CYS A 20 -2.98 6.68 4.96
N ILE A 21 -2.43 7.44 4.02
CA ILE A 21 -2.24 8.88 4.18
C ILE A 21 -3.59 9.58 4.27
N ALA A 22 -4.49 9.18 3.37
CA ALA A 22 -5.84 9.74 3.32
C ALA A 22 -6.56 9.53 4.65
N ARG A 23 -6.36 8.36 5.25
CA ARG A 23 -6.99 8.04 6.53
C ARG A 23 -6.60 9.09 7.57
N ARG A 24 -5.31 9.10 7.91
CA ARG A 24 -4.72 10.05 8.88
C ARG A 24 -3.22 9.83 8.98
N TYR A 25 -2.81 8.58 8.79
CA TYR A 25 -1.42 8.19 8.87
C TYR A 25 -0.56 8.96 7.87
N ARG A 26 0.70 9.18 8.24
CA ARG A 26 1.65 9.89 7.39
C ARG A 26 1.81 9.16 6.05
N GLY A 27 1.79 7.83 6.12
CA GLY A 27 1.93 7.02 4.93
C GLY A 27 1.87 5.55 5.23
N GLY A 28 2.70 4.78 4.55
CA GLY A 28 2.73 3.36 4.79
C GLY A 28 3.81 2.68 3.97
N TYR A 29 3.71 1.36 3.86
CA TYR A 29 4.68 0.57 3.12
C TYR A 29 4.11 -0.82 2.89
N CYS A 30 4.38 -1.41 1.73
CA CYS A 30 3.88 -2.74 1.46
C CYS A 30 4.71 -3.77 2.21
N ASN A 31 4.03 -4.64 2.93
CA ASN A 31 4.69 -5.69 3.70
C ASN A 31 4.82 -6.95 2.85
N SER A 32 5.05 -6.74 1.55
CA SER A 32 5.20 -7.81 0.58
C SER A 32 3.99 -8.73 0.53
N LYS A 33 2.81 -8.14 0.49
CA LYS A 33 1.57 -8.89 0.44
C LYS A 33 0.49 -8.00 -0.17
N ALA A 34 0.94 -6.95 -0.89
CA ALA A 34 0.04 -6.00 -1.54
C ALA A 34 -0.97 -5.43 -0.56
N VAL A 35 -0.55 -5.29 0.69
CA VAL A 35 -1.42 -4.76 1.74
C VAL A 35 -1.09 -3.31 2.04
N CYS A 36 0.22 -3.00 2.12
CA CYS A 36 0.67 -1.64 2.43
C CYS A 36 0.20 -1.24 3.82
N VAL A 37 0.88 -1.76 4.83
CA VAL A 37 0.55 -1.49 6.22
C VAL A 37 0.60 0.00 6.51
N CYS A 38 -0.49 0.51 7.08
CA CYS A 38 -0.59 1.92 7.40
C CYS A 38 0.12 2.24 8.71
N ARG A 39 0.84 3.36 8.72
CA ARG A 39 1.56 3.81 9.91
C ARG A 39 1.91 5.28 9.78
N ASN A 40 1.89 5.98 10.89
CA ASN A 40 2.21 7.39 10.90
C ASN A 40 3.68 7.58 11.25
N ALA A 1 2.01 -3.79 -10.50
CA ALA A 1 1.48 -3.90 -9.12
C ALA A 1 2.35 -3.08 -8.17
N THR A 2 1.74 -2.61 -7.08
CA THR A 2 2.46 -1.82 -6.09
C THR A 2 3.57 -2.61 -5.43
N CYS A 3 3.19 -3.71 -4.83
CA CYS A 3 4.13 -4.59 -4.14
C CYS A 3 3.64 -6.04 -4.18
N ASP A 4 3.38 -6.51 -5.40
CA ASP A 4 2.89 -7.88 -5.64
C ASP A 4 1.47 -8.06 -5.12
N LEU A 5 0.56 -8.39 -6.03
CA LEU A 5 -0.83 -8.61 -5.68
C LEU A 5 -0.99 -9.96 -5.00
N ALA A 6 -0.33 -10.97 -5.58
CA ALA A 6 -0.35 -12.33 -5.07
C ALA A 6 -1.77 -12.89 -5.02
N SER A 7 -2.60 -12.48 -5.97
CA SER A 7 -3.98 -12.94 -6.05
C SER A 7 -4.69 -12.28 -7.23
N GLY A 8 -4.68 -10.97 -7.25
CA GLY A 8 -5.32 -10.23 -8.33
C GLY A 8 -5.57 -8.79 -7.94
N PHE A 9 -6.48 -8.14 -8.65
CA PHE A 9 -6.81 -6.74 -8.37
C PHE A 9 -7.79 -6.61 -7.21
N GLY A 10 -7.58 -7.39 -6.16
CA GLY A 10 -8.45 -7.34 -5.00
C GLY A 10 -7.96 -6.33 -3.99
N VAL A 11 -7.37 -5.26 -4.50
CA VAL A 11 -6.83 -4.18 -3.68
C VAL A 11 -6.30 -3.08 -4.60
N GLY A 12 -6.41 -1.84 -4.15
CA GLY A 12 -5.93 -0.72 -4.95
C GLY A 12 -4.44 -0.76 -5.18
N SER A 13 -4.04 -1.21 -6.36
CA SER A 13 -2.63 -1.32 -6.71
C SER A 13 -2.06 0.05 -7.14
N SER A 14 -2.23 1.05 -6.28
CA SER A 14 -1.73 2.39 -6.55
C SER A 14 -1.99 3.29 -5.35
N LEU A 15 -3.12 3.08 -4.68
CA LEU A 15 -3.49 3.90 -3.53
C LEU A 15 -2.81 3.43 -2.23
N CYS A 16 -1.68 2.76 -2.32
CA CYS A 16 -0.98 2.31 -1.11
C CYS A 16 -0.52 3.52 -0.31
N ALA A 17 0.26 4.39 -0.94
CA ALA A 17 0.73 5.61 -0.29
C ALA A 17 -0.29 6.73 -0.49
N ALA A 18 -1.56 6.38 -0.43
CA ALA A 18 -2.64 7.34 -0.59
C ALA A 18 -3.76 7.01 0.40
N HIS A 19 -4.14 5.74 0.42
CA HIS A 19 -5.17 5.25 1.32
C HIS A 19 -4.73 5.50 2.76
N CYS A 20 -3.44 5.33 2.99
CA CYS A 20 -2.86 5.55 4.30
C CYS A 20 -2.97 7.01 4.72
N ILE A 21 -2.62 7.92 3.81
CA ILE A 21 -2.69 9.35 4.09
C ILE A 21 -4.14 9.75 4.36
N ALA A 22 -5.05 9.19 3.57
CA ALA A 22 -6.47 9.48 3.71
C ALA A 22 -6.98 9.03 5.08
N ARG A 23 -6.52 7.87 5.53
CA ARG A 23 -6.92 7.34 6.82
C ARG A 23 -6.15 8.00 7.98
N ARG A 24 -5.53 9.14 7.67
CA ARG A 24 -4.77 9.93 8.64
C ARG A 24 -3.48 9.24 9.10
N TYR A 25 -2.70 8.74 8.16
CA TYR A 25 -1.42 8.11 8.46
C TYR A 25 -0.33 8.84 7.67
N ARG A 26 0.88 8.83 8.19
CA ARG A 26 2.00 9.49 7.51
C ARG A 26 2.38 8.74 6.25
N GLY A 27 2.33 7.41 6.32
CA GLY A 27 2.67 6.60 5.17
C GLY A 27 2.18 5.18 5.31
N GLY A 28 2.83 4.26 4.62
CA GLY A 28 2.45 2.86 4.67
C GLY A 28 3.51 1.98 4.04
N TYR A 29 3.72 0.80 4.61
CA TYR A 29 4.73 -0.11 4.09
C TYR A 29 4.10 -1.41 3.59
N CYS A 30 4.63 -1.92 2.49
CA CYS A 30 4.12 -3.15 1.91
C CYS A 30 4.63 -4.34 2.73
N ASN A 31 3.75 -4.93 3.52
CA ASN A 31 4.09 -6.07 4.36
C ASN A 31 4.00 -7.38 3.58
N SER A 32 4.44 -7.32 2.33
CA SER A 32 4.47 -8.45 1.41
C SER A 32 3.09 -9.00 1.02
N LYS A 33 2.17 -9.12 1.98
CA LYS A 33 0.84 -9.63 1.69
C LYS A 33 -0.04 -8.58 1.01
N ALA A 34 0.61 -7.62 0.34
CA ALA A 34 -0.06 -6.54 -0.38
C ALA A 34 -1.07 -5.82 0.49
N VAL A 35 -0.84 -5.82 1.80
CA VAL A 35 -1.75 -5.16 2.72
C VAL A 35 -1.43 -3.68 2.78
N CYS A 36 -0.15 -3.34 2.63
CA CYS A 36 0.27 -1.94 2.68
C CYS A 36 -0.11 -1.34 4.03
N VAL A 37 0.44 -1.93 5.09
CA VAL A 37 0.15 -1.50 6.45
C VAL A 37 0.53 -0.04 6.66
N CYS A 38 -0.46 0.77 6.97
CA CYS A 38 -0.28 2.19 7.18
C CYS A 38 0.53 2.50 8.44
N ARG A 39 1.38 3.49 8.34
CA ARG A 39 2.22 3.91 9.45
C ARG A 39 1.84 5.31 9.90
N ASN A 40 1.54 5.44 11.19
CA ASN A 40 1.18 6.73 11.77
C ASN A 40 2.36 7.28 12.55
N ALA A 1 -3.12 -6.29 -6.33
CA ALA A 1 -1.85 -5.66 -6.75
C ALA A 1 -1.22 -4.95 -5.55
N THR A 2 -0.72 -3.73 -5.77
CA THR A 2 -0.08 -2.93 -4.72
C THR A 2 1.29 -3.50 -4.36
N CYS A 3 2.24 -2.59 -4.12
CA CYS A 3 3.62 -2.93 -3.77
C CYS A 3 4.38 -3.44 -4.99
N ASP A 4 5.66 -3.10 -5.05
CA ASP A 4 6.52 -3.49 -6.16
C ASP A 4 6.59 -5.01 -6.30
N LEU A 5 6.67 -5.46 -7.53
CA LEU A 5 6.74 -6.88 -7.84
C LEU A 5 7.77 -7.13 -8.94
N ALA A 6 7.92 -6.14 -9.83
CA ALA A 6 8.86 -6.21 -10.95
C ALA A 6 8.36 -7.21 -12.00
N SER A 7 8.31 -6.76 -13.25
CA SER A 7 7.84 -7.57 -14.37
C SER A 7 6.37 -7.92 -14.17
N GLY A 8 5.56 -6.89 -13.89
CA GLY A 8 4.15 -7.10 -13.68
C GLY A 8 3.35 -5.82 -13.81
N PHE A 9 2.69 -5.44 -12.72
CA PHE A 9 1.87 -4.23 -12.71
C PHE A 9 2.73 -2.99 -12.65
N GLY A 10 3.91 -3.14 -12.08
CA GLY A 10 4.80 -2.01 -11.93
C GLY A 10 4.37 -1.14 -10.79
N VAL A 11 3.64 -0.10 -11.12
CA VAL A 11 3.11 0.82 -10.13
C VAL A 11 1.60 0.59 -9.96
N GLY A 12 1.22 -0.67 -10.18
CA GLY A 12 -0.18 -1.05 -10.06
C GLY A 12 -0.65 -1.09 -8.62
N SER A 13 -1.56 -0.20 -8.29
CA SER A 13 -2.13 -0.10 -6.95
C SER A 13 -3.26 0.92 -6.98
N SER A 14 -4.48 0.44 -6.83
CA SER A 14 -5.65 1.30 -6.84
C SER A 14 -5.59 2.31 -5.71
N LEU A 15 -5.42 1.81 -4.49
CA LEU A 15 -5.34 2.65 -3.31
C LEU A 15 -4.99 1.83 -2.07
N CYS A 16 -3.97 2.29 -1.36
CA CYS A 16 -3.53 1.63 -0.15
C CYS A 16 -2.83 2.64 0.75
N ALA A 17 -1.52 2.79 0.56
CA ALA A 17 -0.74 3.73 1.34
C ALA A 17 -1.27 5.15 1.15
N ALA A 18 -1.59 5.48 -0.10
CA ALA A 18 -2.12 6.79 -0.44
C ALA A 18 -3.46 7.03 0.26
N HIS A 19 -4.29 5.99 0.29
CA HIS A 19 -5.59 6.07 0.95
C HIS A 19 -5.41 6.29 2.44
N CYS A 20 -4.46 5.58 3.01
CA CYS A 20 -4.16 5.68 4.43
C CYS A 20 -3.72 7.10 4.80
N ILE A 21 -3.01 7.76 3.88
CA ILE A 21 -2.56 9.12 4.11
C ILE A 21 -3.76 10.02 4.39
N ALA A 22 -4.83 9.81 3.63
CA ALA A 22 -6.06 10.55 3.81
C ALA A 22 -6.67 10.24 5.17
N ARG A 23 -6.51 8.99 5.62
CA ARG A 23 -7.03 8.54 6.90
C ARG A 23 -6.11 8.99 8.05
N ARG A 24 -5.34 10.05 7.81
CA ARG A 24 -4.41 10.63 8.79
C ARG A 24 -3.22 9.71 9.11
N TYR A 25 -2.76 8.97 8.11
CA TYR A 25 -1.60 8.10 8.27
C TYR A 25 -0.43 8.68 7.50
N ARG A 26 0.79 8.44 7.98
CA ARG A 26 1.98 8.95 7.30
C ARG A 26 2.11 8.32 5.93
N GLY A 27 1.77 7.05 5.86
CA GLY A 27 1.85 6.33 4.61
C GLY A 27 1.67 4.84 4.82
N GLY A 28 2.28 4.04 3.96
CA GLY A 28 2.18 2.61 4.09
C GLY A 28 3.40 1.93 3.54
N TYR A 29 4.03 1.10 4.36
CA TYR A 29 5.22 0.39 3.95
C TYR A 29 4.88 -1.01 3.48
N CYS A 30 5.54 -1.47 2.46
CA CYS A 30 5.28 -2.79 1.95
C CYS A 30 6.29 -3.78 2.53
N ASN A 31 5.79 -4.81 3.23
CA ASN A 31 6.65 -5.83 3.83
C ASN A 31 7.13 -6.80 2.76
N SER A 32 7.27 -6.29 1.54
CA SER A 32 7.68 -7.07 0.37
C SER A 32 6.59 -8.04 -0.08
N LYS A 33 5.89 -8.64 0.87
CA LYS A 33 4.80 -9.58 0.58
C LYS A 33 3.53 -8.84 0.15
N ALA A 34 3.70 -7.69 -0.51
CA ALA A 34 2.59 -6.87 -0.99
C ALA A 34 1.57 -6.60 0.11
N VAL A 35 2.04 -6.54 1.35
CA VAL A 35 1.17 -6.31 2.50
C VAL A 35 0.73 -4.86 2.56
N CYS A 36 1.66 -3.93 2.32
CA CYS A 36 1.35 -2.49 2.34
C CYS A 36 0.72 -2.09 3.69
N VAL A 37 1.50 -2.20 4.76
CA VAL A 37 1.04 -1.84 6.10
C VAL A 37 1.16 -0.34 6.33
N CYS A 38 0.03 0.30 6.60
CA CYS A 38 0.00 1.72 6.84
C CYS A 38 0.33 2.05 8.30
N ARG A 39 0.92 3.21 8.52
CA ARG A 39 1.29 3.64 9.86
C ARG A 39 1.04 5.15 10.00
N ASN A 40 0.31 5.53 11.05
CA ASN A 40 -0.02 6.92 11.29
C ASN A 40 1.04 7.59 12.15
N ALA A 1 1.19 2.11 -6.40
CA ALA A 1 0.00 1.33 -5.97
C ALA A 1 0.42 0.23 -5.01
N THR A 2 -0.46 -0.75 -4.78
CA THR A 2 -0.11 -1.85 -3.88
C THR A 2 1.01 -2.68 -4.47
N CYS A 3 2.06 -2.85 -3.70
CA CYS A 3 3.23 -3.59 -4.14
C CYS A 3 2.87 -5.04 -4.47
N ASP A 4 3.16 -5.44 -5.70
CA ASP A 4 2.87 -6.79 -6.17
C ASP A 4 3.64 -7.84 -5.38
N LEU A 5 3.00 -8.98 -5.15
CA LEU A 5 3.60 -10.07 -4.41
C LEU A 5 3.86 -11.27 -5.32
N ALA A 6 3.87 -11.00 -6.62
CA ALA A 6 4.11 -12.03 -7.64
C ALA A 6 3.10 -13.15 -7.52
N SER A 7 1.85 -12.80 -7.23
CA SER A 7 0.77 -13.77 -7.07
C SER A 7 -0.59 -13.11 -7.26
N GLY A 8 -0.70 -11.87 -6.82
CA GLY A 8 -1.95 -11.15 -6.93
C GLY A 8 -3.03 -11.70 -6.03
N PHE A 9 -4.27 -11.32 -6.29
CA PHE A 9 -5.41 -11.78 -5.51
C PHE A 9 -6.73 -11.37 -6.17
N GLY A 10 -6.73 -10.20 -6.77
CA GLY A 10 -7.92 -9.69 -7.41
C GLY A 10 -7.88 -8.18 -7.50
N VAL A 11 -9.00 -7.55 -7.18
CA VAL A 11 -9.08 -6.10 -7.21
C VAL A 11 -8.55 -5.52 -5.90
N GLY A 12 -7.61 -4.59 -6.01
CA GLY A 12 -7.03 -3.98 -4.84
C GLY A 12 -5.67 -3.39 -5.14
N SER A 13 -5.55 -2.75 -6.29
CA SER A 13 -4.30 -2.13 -6.69
C SER A 13 -4.16 -0.76 -6.05
N SER A 14 -5.26 -0.04 -5.96
CA SER A 14 -5.25 1.29 -5.37
C SER A 14 -5.42 1.19 -3.85
N LEU A 15 -5.45 2.35 -3.20
CA LEU A 15 -5.61 2.44 -1.76
C LEU A 15 -4.43 1.83 -1.00
N CYS A 16 -3.23 2.22 -1.40
CA CYS A 16 -2.02 1.77 -0.73
C CYS A 16 -1.48 2.94 0.08
N ALA A 17 -0.56 3.70 -0.50
CA ALA A 17 0.01 4.86 0.17
C ALA A 17 -1.05 5.95 0.33
N ALA A 18 -1.89 6.09 -0.69
CA ALA A 18 -2.96 7.08 -0.68
C ALA A 18 -3.95 6.79 0.42
N HIS A 19 -4.25 5.51 0.63
CA HIS A 19 -5.18 5.10 1.68
C HIS A 19 -4.65 5.51 3.05
N CYS A 20 -3.36 5.38 3.22
CA CYS A 20 -2.71 5.73 4.48
C CYS A 20 -2.88 7.21 4.78
N ILE A 21 -2.43 8.05 3.86
CA ILE A 21 -2.55 9.49 4.03
C ILE A 21 -4.01 9.92 4.14
N ALA A 22 -4.89 9.23 3.40
CA ALA A 22 -6.31 9.53 3.42
C ALA A 22 -6.92 9.21 4.79
N ARG A 23 -6.51 8.10 5.38
CA ARG A 23 -7.04 7.68 6.67
C ARG A 23 -6.24 8.34 7.81
N ARG A 24 -5.59 9.45 7.50
CA ARG A 24 -4.81 10.22 8.48
C ARG A 24 -3.60 9.45 9.03
N TYR A 25 -2.79 8.91 8.13
CA TYR A 25 -1.57 8.20 8.52
C TYR A 25 -0.37 8.89 7.88
N ARG A 26 0.75 8.90 8.58
CA ARG A 26 1.95 9.55 8.06
C ARG A 26 2.51 8.82 6.84
N GLY A 27 2.44 7.50 6.84
CA GLY A 27 2.93 6.75 5.72
C GLY A 27 2.44 5.32 5.71
N GLY A 28 3.23 4.43 5.15
CA GLY A 28 2.88 3.03 5.09
C GLY A 28 3.96 2.23 4.41
N TYR A 29 3.89 0.91 4.54
CA TYR A 29 4.89 0.04 3.93
C TYR A 29 4.26 -1.24 3.44
N CYS A 30 4.71 -1.74 2.31
CA CYS A 30 4.18 -2.96 1.76
C CYS A 30 4.77 -4.16 2.49
N ASN A 31 3.94 -4.84 3.25
CA ASN A 31 4.36 -6.00 4.02
C ASN A 31 4.33 -7.27 3.17
N SER A 32 4.85 -7.13 1.95
CA SER A 32 4.98 -8.20 0.96
C SER A 32 3.65 -8.74 0.44
N LYS A 33 2.69 -9.03 1.31
CA LYS A 33 1.41 -9.58 0.87
C LYS A 33 0.50 -8.51 0.24
N ALA A 34 1.12 -7.49 -0.35
CA ALA A 34 0.40 -6.39 -1.01
C ALA A 34 -0.63 -5.75 -0.08
N VAL A 35 -0.48 -5.95 1.22
CA VAL A 35 -1.40 -5.39 2.18
C VAL A 35 -1.18 -3.90 2.30
N CYS A 36 0.08 -3.48 2.20
CA CYS A 36 0.42 -2.05 2.28
C CYS A 36 -0.02 -1.49 3.63
N VAL A 37 0.56 -2.05 4.70
CA VAL A 37 0.23 -1.63 6.06
C VAL A 37 0.59 -0.16 6.29
N CYS A 38 -0.42 0.61 6.69
CA CYS A 38 -0.25 2.03 6.93
C CYS A 38 0.39 2.29 8.28
N ARG A 39 1.12 3.40 8.37
CA ARG A 39 1.80 3.78 9.60
C ARG A 39 1.56 5.24 9.96
N ASN A 40 1.24 5.45 11.22
CA ASN A 40 1.01 6.79 11.74
C ASN A 40 2.16 7.18 12.65
N ALA A 1 -2.01 0.09 -7.93
CA ALA A 1 -1.31 -1.18 -7.61
C ALA A 1 -0.57 -1.04 -6.29
N THR A 2 -0.61 -2.08 -5.48
CA THR A 2 0.05 -2.09 -4.18
C THR A 2 1.56 -2.29 -4.32
N CYS A 3 2.01 -3.47 -3.94
CA CYS A 3 3.42 -3.83 -4.01
C CYS A 3 3.82 -4.15 -5.45
N ASP A 4 3.97 -3.09 -6.24
CA ASP A 4 4.33 -3.24 -7.64
C ASP A 4 5.69 -3.92 -7.80
N LEU A 5 5.68 -5.04 -8.51
CA LEU A 5 6.89 -5.82 -8.73
C LEU A 5 7.70 -5.24 -9.87
N ALA A 6 7.02 -4.76 -10.91
CA ALA A 6 7.70 -4.19 -12.07
C ALA A 6 6.93 -2.99 -12.63
N SER A 7 5.63 -3.17 -12.80
CA SER A 7 4.78 -2.11 -13.34
C SER A 7 3.33 -2.34 -12.95
N GLY A 8 3.14 -2.91 -11.76
CA GLY A 8 1.80 -3.19 -11.27
C GLY A 8 1.81 -4.30 -10.26
N PHE A 9 0.66 -4.94 -10.06
CA PHE A 9 0.55 -6.04 -9.12
C PHE A 9 -0.26 -7.16 -9.74
N GLY A 10 -1.28 -6.79 -10.49
CA GLY A 10 -2.13 -7.76 -11.14
C GLY A 10 -3.47 -7.16 -11.53
N VAL A 11 -4.19 -6.67 -10.54
CA VAL A 11 -5.50 -6.05 -10.75
C VAL A 11 -5.99 -5.39 -9.46
N GLY A 12 -6.53 -4.19 -9.59
CA GLY A 12 -7.02 -3.47 -8.43
C GLY A 12 -5.91 -3.01 -7.53
N SER A 13 -6.00 -3.34 -6.24
CA SER A 13 -5.01 -2.97 -5.23
C SER A 13 -4.66 -1.49 -5.29
N SER A 14 -5.69 -0.65 -5.27
CA SER A 14 -5.51 0.79 -5.32
C SER A 14 -4.97 1.34 -4.00
N LEU A 15 -5.47 0.80 -2.89
CA LEU A 15 -5.05 1.24 -1.56
C LEU A 15 -3.80 0.49 -1.10
N CYS A 16 -2.80 1.26 -0.68
CA CYS A 16 -1.55 0.70 -0.21
C CYS A 16 -0.86 1.67 0.75
N ALA A 17 -0.80 2.93 0.33
CA ALA A 17 -0.18 3.98 1.14
C ALA A 17 -0.96 5.28 1.05
N ALA A 18 -1.49 5.58 -0.14
CA ALA A 18 -2.26 6.81 -0.35
C ALA A 18 -3.48 6.84 0.55
N HIS A 19 -4.17 5.70 0.63
CA HIS A 19 -5.36 5.59 1.47
C HIS A 19 -4.99 5.81 2.92
N CYS A 20 -3.81 5.36 3.31
CA CYS A 20 -3.32 5.51 4.66
C CYS A 20 -3.16 6.99 5.00
N ILE A 21 -2.53 7.72 4.08
CA ILE A 21 -2.30 9.16 4.25
C ILE A 21 -3.64 9.89 4.27
N ALA A 22 -4.52 9.53 3.36
CA ALA A 22 -5.84 10.14 3.27
C ALA A 22 -6.65 9.87 4.54
N ARG A 23 -6.49 8.67 5.08
CA ARG A 23 -7.19 8.26 6.28
C ARG A 23 -6.75 9.13 7.47
N ARG A 24 -5.46 9.09 7.77
CA ARG A 24 -4.88 9.87 8.87
C ARG A 24 -3.40 9.54 9.07
N TYR A 25 -3.01 8.32 8.70
CA TYR A 25 -1.64 7.86 8.85
C TYR A 25 -0.69 8.71 8.00
N ARG A 26 0.55 8.83 8.45
CA ARG A 26 1.56 9.60 7.74
C ARG A 26 1.86 8.97 6.39
N GLY A 27 1.94 7.65 6.38
CA GLY A 27 2.22 6.94 5.15
C GLY A 27 1.94 5.45 5.28
N GLY A 28 2.75 4.64 4.62
CA GLY A 28 2.56 3.20 4.68
C GLY A 28 3.53 2.47 3.79
N TYR A 29 4.09 1.38 4.29
CA TYR A 29 5.03 0.58 3.52
C TYR A 29 4.40 -0.75 3.15
N CYS A 30 4.91 -1.36 2.10
CA CYS A 30 4.40 -2.65 1.67
C CYS A 30 4.83 -3.73 2.63
N ASN A 31 3.89 -4.26 3.39
CA ASN A 31 4.21 -5.32 4.32
C ASN A 31 4.59 -6.56 3.53
N SER A 32 5.38 -7.43 4.13
CA SER A 32 5.85 -8.63 3.45
C SER A 32 4.71 -9.48 2.91
N LYS A 33 3.56 -9.44 3.55
CA LYS A 33 2.40 -10.21 3.12
C LYS A 33 1.89 -9.71 1.76
N ALA A 34 2.49 -8.61 1.28
CA ALA A 34 2.13 -8.00 0.00
C ALA A 34 0.71 -7.43 0.04
N VAL A 35 0.38 -6.84 1.18
CA VAL A 35 -0.94 -6.26 1.37
C VAL A 35 -0.82 -4.78 1.67
N CYS A 36 0.39 -4.35 2.06
CA CYS A 36 0.66 -2.94 2.42
C CYS A 36 0.12 -2.66 3.82
N VAL A 37 0.82 -1.83 4.57
CA VAL A 37 0.41 -1.51 5.92
C VAL A 37 0.58 -0.02 6.18
N CYS A 38 -0.41 0.57 6.82
CA CYS A 38 -0.40 1.99 7.14
C CYS A 38 0.46 2.26 8.38
N ARG A 39 1.14 3.39 8.39
CA ARG A 39 1.99 3.76 9.53
C ARG A 39 1.94 5.26 9.78
N ASN A 40 2.09 5.65 11.04
CA ASN A 40 2.06 7.04 11.43
C ASN A 40 2.75 7.20 12.78
N ALA A 1 -1.28 -5.93 -3.52
CA ALA A 1 -1.24 -4.46 -3.70
C ALA A 1 0.03 -3.90 -3.08
N THR A 2 0.87 -3.28 -3.92
CA THR A 2 2.14 -2.71 -3.49
C THR A 2 3.08 -3.83 -3.04
N CYS A 3 4.08 -4.10 -3.87
CA CYS A 3 5.05 -5.16 -3.62
C CYS A 3 4.33 -6.51 -3.69
N ASP A 4 4.34 -7.09 -4.91
CA ASP A 4 3.68 -8.36 -5.21
C ASP A 4 2.20 -8.11 -5.50
N LEU A 5 1.72 -8.74 -6.56
CA LEU A 5 0.32 -8.59 -6.96
C LEU A 5 -0.53 -9.58 -6.18
N ALA A 6 -0.04 -10.81 -6.09
CA ALA A 6 -0.70 -11.88 -5.38
C ALA A 6 -2.12 -12.15 -5.90
N SER A 7 -3.12 -11.66 -5.17
CA SER A 7 -4.52 -11.84 -5.52
C SER A 7 -4.81 -11.39 -6.96
N GLY A 8 -4.32 -10.21 -7.31
CA GLY A 8 -4.55 -9.69 -8.65
C GLY A 8 -3.99 -8.30 -8.80
N PHE A 9 -4.81 -7.37 -9.25
CA PHE A 9 -4.36 -5.99 -9.42
C PHE A 9 -4.33 -5.29 -8.08
N GLY A 10 -5.22 -5.69 -7.19
CA GLY A 10 -5.28 -5.13 -5.86
C GLY A 10 -5.58 -3.64 -5.85
N VAL A 11 -6.74 -3.29 -6.38
CA VAL A 11 -7.21 -1.90 -6.45
C VAL A 11 -6.15 -0.98 -7.08
N GLY A 12 -5.49 -1.48 -8.11
CA GLY A 12 -4.48 -0.70 -8.80
C GLY A 12 -3.09 -0.95 -8.27
N SER A 13 -3.01 -1.49 -7.06
CA SER A 13 -1.74 -1.81 -6.41
C SER A 13 -0.94 -0.52 -6.18
N SER A 14 -1.65 0.57 -5.90
CA SER A 14 -1.02 1.85 -5.66
C SER A 14 -1.93 2.74 -4.80
N LEU A 15 -2.84 2.11 -4.07
CA LEU A 15 -3.75 2.84 -3.21
C LEU A 15 -3.56 2.47 -1.75
N CYS A 16 -2.32 2.30 -1.34
CA CYS A 16 -2.04 1.97 0.05
C CYS A 16 -1.56 3.20 0.79
N ALA A 17 -0.41 3.73 0.37
CA ALA A 17 0.17 4.91 0.98
C ALA A 17 -0.82 6.07 0.95
N ALA A 18 -1.37 6.32 -0.23
CA ALA A 18 -2.34 7.39 -0.41
C ALA A 18 -3.56 7.16 0.47
N HIS A 19 -3.99 5.91 0.57
CA HIS A 19 -5.14 5.54 1.39
C HIS A 19 -4.84 5.83 2.85
N CYS A 20 -3.63 5.49 3.29
CA CYS A 20 -3.22 5.70 4.67
C CYS A 20 -3.24 7.21 4.97
N ILE A 21 -2.65 7.99 4.08
CA ILE A 21 -2.60 9.44 4.22
C ILE A 21 -4.01 10.01 4.24
N ALA A 22 -4.86 9.48 3.37
CA ALA A 22 -6.25 9.91 3.28
C ALA A 22 -6.98 9.66 4.60
N ARG A 23 -6.67 8.54 5.24
CA ARG A 23 -7.29 8.20 6.51
C ARG A 23 -6.77 9.08 7.63
N ARG A 24 -5.43 9.11 7.80
CA ARG A 24 -4.79 9.93 8.83
C ARG A 24 -3.31 9.58 8.94
N TYR A 25 -2.98 8.33 8.63
CA TYR A 25 -1.62 7.82 8.73
C TYR A 25 -0.63 8.64 7.90
N ARG A 26 0.62 8.59 8.33
CA ARG A 26 1.71 9.29 7.65
C ARG A 26 1.95 8.72 6.26
N GLY A 27 1.90 7.40 6.18
CA GLY A 27 2.10 6.72 4.91
C GLY A 27 1.85 5.23 5.04
N GLY A 28 2.51 4.44 4.22
CA GLY A 28 2.33 3.01 4.26
C GLY A 28 3.53 2.26 3.70
N TYR A 29 3.75 1.04 4.18
CA TYR A 29 4.86 0.23 3.73
C TYR A 29 4.36 -1.15 3.35
N CYS A 30 4.84 -1.68 2.22
CA CYS A 30 4.41 -2.99 1.79
C CYS A 30 5.07 -4.05 2.68
N ASN A 31 4.25 -4.88 3.30
CA ASN A 31 4.75 -5.92 4.19
C ASN A 31 5.08 -7.20 3.43
N SER A 32 5.57 -7.02 2.21
CA SER A 32 5.98 -8.11 1.33
C SER A 32 4.84 -9.03 0.87
N LYS A 33 3.89 -9.32 1.76
CA LYS A 33 2.76 -10.21 1.43
C LYS A 33 1.68 -9.50 0.60
N ALA A 34 2.10 -8.50 -0.18
CA ALA A 34 1.22 -7.75 -1.06
C ALA A 34 0.03 -7.12 -0.32
N VAL A 35 0.14 -6.98 1.00
CA VAL A 35 -0.94 -6.40 1.77
C VAL A 35 -0.70 -4.92 2.01
N CYS A 36 0.53 -4.59 2.41
CA CYS A 36 0.93 -3.21 2.70
C CYS A 36 0.26 -2.75 3.99
N VAL A 37 1.05 -2.18 4.90
CA VAL A 37 0.53 -1.74 6.19
C VAL A 37 0.74 -0.24 6.37
N CYS A 38 -0.29 0.42 6.88
CA CYS A 38 -0.25 1.86 7.13
C CYS A 38 0.62 2.17 8.35
N ARG A 39 1.23 3.36 8.35
CA ARG A 39 2.06 3.78 9.46
C ARG A 39 1.96 5.29 9.65
N ASN A 40 2.07 5.73 10.90
CA ASN A 40 1.97 7.14 11.22
C ASN A 40 3.04 7.49 12.25
N ALA A 1 0.86 -2.26 -9.37
CA ALA A 1 0.61 -1.03 -8.59
C ALA A 1 1.03 -1.23 -7.13
N THR A 2 1.85 -0.31 -6.64
CA THR A 2 2.34 -0.37 -5.27
C THR A 2 3.14 -1.67 -5.06
N CYS A 3 2.93 -2.33 -3.94
CA CYS A 3 3.60 -3.58 -3.65
C CYS A 3 2.54 -4.62 -3.35
N ASP A 4 1.54 -4.68 -4.24
CA ASP A 4 0.40 -5.57 -4.11
C ASP A 4 -0.56 -5.02 -3.08
N LEU A 5 -1.81 -4.88 -3.47
CA LEU A 5 -2.82 -4.34 -2.60
C LEU A 5 -4.19 -4.84 -3.04
N ALA A 6 -4.55 -6.02 -2.54
CA ALA A 6 -5.82 -6.64 -2.87
C ALA A 6 -6.97 -5.71 -2.50
N SER A 7 -6.85 -5.08 -1.34
CA SER A 7 -7.88 -4.16 -0.87
C SER A 7 -7.64 -2.76 -1.46
N GLY A 8 -7.41 -2.71 -2.76
CA GLY A 8 -7.18 -1.45 -3.44
C GLY A 8 -7.25 -1.57 -4.94
N PHE A 9 -6.34 -0.90 -5.63
CA PHE A 9 -6.27 -0.91 -7.09
C PHE A 9 -7.44 -0.14 -7.68
N GLY A 10 -7.11 0.87 -8.47
CA GLY A 10 -8.12 1.69 -9.07
C GLY A 10 -7.51 2.93 -9.69
N VAL A 11 -6.58 2.71 -10.62
CA VAL A 11 -5.87 3.77 -11.33
C VAL A 11 -4.70 4.30 -10.50
N GLY A 12 -4.90 4.42 -9.19
CA GLY A 12 -3.85 4.92 -8.31
C GLY A 12 -2.63 4.00 -8.29
N SER A 13 -1.46 4.58 -8.50
CA SER A 13 -0.21 3.83 -8.51
C SER A 13 0.12 3.30 -7.11
N SER A 14 -0.05 4.15 -6.12
CA SER A 14 0.23 3.77 -4.74
C SER A 14 -0.99 4.06 -3.87
N LEU A 15 -2.11 3.41 -4.19
CA LEU A 15 -3.34 3.60 -3.45
C LEU A 15 -3.18 3.27 -1.98
N CYS A 16 -2.32 2.30 -1.66
CA CYS A 16 -2.12 1.94 -0.26
C CYS A 16 -1.64 3.14 0.52
N ALA A 17 -0.53 3.74 0.08
CA ALA A 17 0.01 4.91 0.75
C ALA A 17 -0.97 6.08 0.70
N ALA A 18 -1.55 6.31 -0.47
CA ALA A 18 -2.52 7.40 -0.64
C ALA A 18 -3.71 7.24 0.30
N HIS A 19 -4.24 6.02 0.36
CA HIS A 19 -5.38 5.73 1.23
C HIS A 19 -4.97 5.88 2.69
N CYS A 20 -3.75 5.44 3.00
CA CYS A 20 -3.23 5.55 4.35
C CYS A 20 -3.12 7.01 4.77
N ILE A 21 -2.64 7.85 3.86
CA ILE A 21 -2.52 9.28 4.13
C ILE A 21 -3.90 9.85 4.43
N ALA A 22 -4.88 9.44 3.64
CA ALA A 22 -6.25 9.88 3.83
C ALA A 22 -6.80 9.36 5.15
N ARG A 23 -6.30 8.19 5.56
CA ARG A 23 -6.71 7.56 6.81
C ARG A 23 -5.88 8.11 7.99
N ARG A 24 -5.33 9.31 7.81
CA ARG A 24 -4.53 9.99 8.82
C ARG A 24 -3.21 9.28 9.11
N TYR A 25 -2.46 8.97 8.06
CA TYR A 25 -1.15 8.34 8.22
C TYR A 25 -0.15 9.03 7.31
N ARG A 26 1.12 9.00 7.69
CA ARG A 26 2.17 9.62 6.92
C ARG A 26 2.38 8.86 5.61
N GLY A 27 2.14 7.57 5.65
CA GLY A 27 2.30 6.73 4.48
C GLY A 27 1.92 5.29 4.77
N GLY A 28 2.58 4.36 4.10
CA GLY A 28 2.30 2.96 4.31
C GLY A 28 3.45 2.08 3.88
N TYR A 29 3.84 1.16 4.74
CA TYR A 29 4.93 0.25 4.44
C TYR A 29 4.40 -1.03 3.82
N CYS A 30 5.05 -1.49 2.77
CA CYS A 30 4.63 -2.70 2.12
C CYS A 30 5.23 -3.90 2.82
N ASN A 31 4.40 -4.64 3.56
CA ASN A 31 4.89 -5.82 4.25
C ASN A 31 5.18 -6.92 3.24
N SER A 32 5.95 -7.91 3.64
CA SER A 32 6.31 -9.00 2.74
C SER A 32 5.10 -9.82 2.35
N LYS A 33 4.02 -9.72 3.13
CA LYS A 33 2.80 -10.45 2.84
C LYS A 33 2.11 -9.85 1.62
N ALA A 34 2.73 -8.81 1.05
CA ALA A 34 2.22 -8.12 -0.13
C ALA A 34 0.84 -7.55 0.15
N VAL A 35 0.65 -7.09 1.37
CA VAL A 35 -0.62 -6.52 1.77
C VAL A 35 -0.48 -5.02 1.96
N CYS A 36 0.69 -4.60 2.46
CA CYS A 36 0.97 -3.17 2.70
C CYS A 36 0.13 -2.67 3.89
N VAL A 37 0.79 -2.07 4.88
CA VAL A 37 0.10 -1.58 6.07
C VAL A 37 0.39 -0.10 6.31
N CYS A 38 -0.64 0.62 6.74
CA CYS A 38 -0.54 2.05 7.02
C CYS A 38 0.37 2.34 8.20
N ARG A 39 1.07 3.47 8.15
CA ARG A 39 1.97 3.86 9.23
C ARG A 39 2.26 5.35 9.18
N ASN A 40 2.54 5.91 10.34
CA ASN A 40 2.86 7.34 10.45
C ASN A 40 4.37 7.53 10.33
#